data_9BKM
#
_entry.id   9BKM
#
_cell.length_a   91.018
_cell.length_b   91.018
_cell.length_c   121.995
_cell.angle_alpha   90.00
_cell.angle_beta   90.00
_cell.angle_gamma   120.00
#
_symmetry.space_group_name_H-M   'P 32 2 1'
#
loop_
_entity.id
_entity.type
_entity.pdbx_description
1 polymer 'Dihydroorotate dehydrogenase (quinone), mitochondrial'
2 non-polymer 'FLAVIN MONONUCLEOTIDE'
3 non-polymer 'OROTIC ACID'
4 non-polymer GLYCEROL
5 non-polymer 'ACETATE ION'
6 non-polymer (2M,6P)-2-(2-chloro-6-fluorophenyl)-6-[4-ethyl-3-(hydroxymethyl)-5-oxo-4,5-dihydro-1H-1,2,4-triazol-1-yl]-7-fluoro-4-(propan-2-yl)isoquinolin-1(2H)-one
7 non-polymer 'SULFATE ION'
8 water water
#
_entity_poly.entity_id   1
_entity_poly.type   'polypeptide(L)'
_entity_poly.pdbx_seq_one_letter_code
;GAMATGDERFYAEHLMPTLQGLLDPESAHRLAVRFTSLGLLPRARFQDSDMLEVRVLGHKFRNPVGIAAGFDKHGEAVDG
LYKMGFGFVEIGSVTPKPQEGNPRPRVFRLPEDQAVINRYGFNSHGLSVVEHRLRARQQKQAKLTEDGLPLGVNLGKNKT
SVDAAEDYAEGVRVLGPLADYLVVNVSSPNTAGLRSLQGKAELRRLLTKVLQERDGLRRVHRPAVLVKIAPDLTSQDKED
IASVVKELGIDGLIVTNTTVSRPAGLQGALRSETGGLSGKPLRDLSTQTIREMYALTQGRVPIIGVGGVSSGQDALEKIR
AGASLVQLYTALTFWGPPVVGKVKRELEALLKEQGFGGVTDAIGADHRR
;
_entity_poly.pdbx_strand_id   A
#
loop_
_chem_comp.id
_chem_comp.type
_chem_comp.name
_chem_comp.formula
A1AQM non-polymer (2M,6P)-2-(2-chloro-6-fluorophenyl)-6-[4-ethyl-3-(hydroxymethyl)-5-oxo-4,5-dihydro-1H-1,2,4-triazol-1-yl]-7-fluoro-4-(propan-2-yl)isoquinolin-1(2H)-one 'C23 H21 Cl F2 N4 O3'
ACT non-polymer 'ACETATE ION' 'C2 H3 O2 -1'
FMN non-polymer 'FLAVIN MONONUCLEOTIDE' 'C17 H21 N4 O9 P'
GOL non-polymer GLYCEROL 'C3 H8 O3'
ORO non-polymer 'OROTIC ACID' 'C5 H4 N2 O4'
SO4 non-polymer 'SULFATE ION' 'O4 S -2'
#
# COMPACT_ATOMS: atom_id res chain seq x y z
N ALA A 2 25.67 8.96 -8.38
CA ALA A 2 27.00 8.23 -8.45
C ALA A 2 26.90 6.80 -7.86
N MET A 3 27.22 6.58 -6.57
CA MET A 3 27.29 5.24 -5.95
C MET A 3 25.91 4.59 -5.89
N ALA A 4 24.96 5.33 -5.33
CA ALA A 4 23.53 4.95 -5.29
C ALA A 4 22.98 4.68 -6.67
N THR A 5 23.25 5.61 -7.60
CA THR A 5 22.86 5.47 -9.01
C THR A 5 23.44 4.18 -9.63
N GLY A 6 24.73 3.91 -9.36
CA GLY A 6 25.39 2.68 -9.85
C GLY A 6 24.68 1.43 -9.36
N ASP A 7 24.43 1.38 -8.07
CA ASP A 7 23.66 0.32 -7.48
C ASP A 7 22.26 0.20 -8.18
N GLU A 8 21.58 1.34 -8.35
CA GLU A 8 20.23 1.37 -8.98
C GLU A 8 20.26 0.83 -10.42
N ARG A 9 21.25 1.34 -11.19
CA ARG A 9 21.56 0.86 -12.53
CA ARG A 9 21.56 0.84 -12.54
C ARG A 9 21.72 -0.67 -12.57
N PHE A 10 22.64 -1.17 -11.76
CA PHE A 10 22.96 -2.57 -11.75
C PHE A 10 21.76 -3.46 -11.49
N TYR A 11 20.98 -3.10 -10.45
CA TYR A 11 19.75 -3.84 -10.13
C TYR A 11 18.72 -3.77 -11.26
N ALA A 12 18.46 -2.56 -11.78
CA ALA A 12 17.43 -2.36 -12.83
C ALA A 12 17.85 -2.99 -14.17
N GLU A 13 19.08 -2.74 -14.57
CA GLU A 13 19.59 -3.15 -15.87
C GLU A 13 20.06 -4.58 -15.95
N HIS A 14 20.45 -5.20 -14.83
CA HIS A 14 21.16 -6.51 -14.85
C HIS A 14 20.61 -7.53 -13.89
N LEU A 15 20.61 -7.21 -12.58
CA LEU A 15 20.32 -8.21 -11.54
C LEU A 15 18.87 -8.69 -11.54
N MET A 16 17.94 -7.74 -11.50
CA MET A 16 16.52 -8.08 -11.43
C MET A 16 16.05 -8.80 -12.69
N PRO A 17 16.38 -8.31 -13.92
CA PRO A 17 16.01 -9.07 -15.11
C PRO A 17 16.60 -10.48 -15.14
N THR A 18 17.83 -10.63 -14.65
CA THR A 18 18.46 -11.97 -14.54
C THR A 18 17.69 -12.87 -13.57
N LEU A 19 17.38 -12.34 -12.39
CA LEU A 19 16.68 -13.12 -11.37
C LEU A 19 15.24 -13.44 -11.76
N GLN A 20 14.53 -12.47 -12.34
CA GLN A 20 13.17 -12.71 -12.85
C GLN A 20 13.13 -13.69 -14.01
N GLY A 21 14.15 -13.69 -14.86
CA GLY A 21 14.30 -14.70 -15.90
C GLY A 21 14.64 -16.13 -15.44
N LEU A 22 15.18 -16.28 -14.24
CA LEU A 22 15.46 -17.59 -13.62
C LEU A 22 14.37 -18.17 -12.78
N LEU A 23 13.34 -17.39 -12.48
CA LEU A 23 12.38 -17.79 -11.49
C LEU A 23 11.03 -17.62 -12.16
N ASP A 24 10.08 -18.51 -11.80
CA ASP A 24 8.62 -18.17 -11.85
C ASP A 24 8.32 -16.95 -10.91
N PRO A 25 7.22 -16.19 -11.20
CA PRO A 25 6.95 -14.93 -10.41
C PRO A 25 6.59 -15.16 -8.97
N GLU A 26 5.81 -16.19 -8.66
CA GLU A 26 5.49 -16.45 -7.22
C GLU A 26 6.75 -16.89 -6.44
N SER A 27 7.62 -17.65 -7.07
CA SER A 27 8.89 -18.08 -6.41
C SER A 27 9.74 -16.88 -6.11
N ALA A 28 9.79 -15.94 -7.06
CA ALA A 28 10.48 -14.69 -6.88
C ALA A 28 9.96 -13.87 -5.66
N HIS A 29 8.65 -13.78 -5.56
CA HIS A 29 7.98 -13.12 -4.43
C HIS A 29 8.35 -13.81 -3.11
N ARG A 30 8.21 -15.14 -3.09
CA ARG A 30 8.58 -15.95 -1.92
C ARG A 30 10.01 -15.77 -1.50
N LEU A 31 10.93 -15.78 -2.47
CA LEU A 31 12.34 -15.57 -2.15
C LEU A 31 12.60 -14.17 -1.63
N ALA A 32 11.96 -13.18 -2.21
CA ALA A 32 12.08 -11.77 -1.72
C ALA A 32 11.67 -11.59 -0.26
N VAL A 33 10.56 -12.22 0.12
CA VAL A 33 10.05 -12.16 1.48
C VAL A 33 11.09 -12.79 2.41
N ARG A 34 11.65 -13.95 2.02
CA ARG A 34 12.64 -14.67 2.84
C ARG A 34 13.91 -13.79 3.05
N PHE A 35 14.45 -13.27 1.94
CA PHE A 35 15.67 -12.40 1.97
C PHE A 35 15.47 -11.13 2.78
N THR A 36 14.33 -10.51 2.56
CA THR A 36 13.94 -9.35 3.31
C THR A 36 13.76 -9.65 4.79
N SER A 37 13.09 -10.77 5.12
CA SER A 37 12.89 -11.15 6.55
C SER A 37 14.20 -11.28 7.34
N LEU A 38 15.22 -11.81 6.65
CA LEU A 38 16.57 -11.98 7.18
C LEU A 38 17.49 -10.74 7.09
N GLY A 39 17.01 -9.63 6.54
CA GLY A 39 17.77 -8.38 6.44
C GLY A 39 18.92 -8.44 5.44
N LEU A 40 18.79 -9.27 4.40
CA LEU A 40 19.86 -9.49 3.42
C LEU A 40 19.70 -8.43 2.33
N LEU A 41 20.05 -7.19 2.70
CA LEU A 41 19.93 -5.94 1.93
C LEU A 41 21.09 -5.06 2.40
N PRO A 42 21.60 -4.11 1.55
CA PRO A 42 22.64 -3.19 2.09
C PRO A 42 22.16 -2.36 3.32
N ARG A 43 21.19 -1.49 3.10
CA ARG A 43 20.71 -0.57 4.13
C ARG A 43 19.48 0.15 3.60
N PHE A 46 20.67 6.20 1.71
CA PHE A 46 19.84 7.42 1.81
C PHE A 46 19.40 7.76 3.26
N GLN A 47 20.12 8.68 3.91
CA GLN A 47 19.67 9.34 5.16
C GLN A 47 18.42 10.25 4.92
N ASP A 48 17.30 9.96 5.61
CA ASP A 48 16.01 10.67 5.38
C ASP A 48 16.11 12.10 5.89
N SER A 49 15.95 13.09 5.02
CA SER A 49 15.92 14.50 5.46
C SER A 49 14.63 14.81 6.21
N ASP A 50 14.68 15.90 6.96
CA ASP A 50 13.50 16.45 7.64
C ASP A 50 12.39 16.86 6.67
N MET A 51 12.74 17.24 5.44
CA MET A 51 11.74 17.68 4.48
C MET A 51 10.81 16.54 3.97
N LEU A 52 11.21 15.28 4.18
CA LEU A 52 10.36 14.12 3.91
C LEU A 52 9.44 13.72 5.03
N GLU A 53 9.59 14.31 6.22
CA GLU A 53 8.73 13.95 7.33
C GLU A 53 7.30 14.41 7.10
N VAL A 54 6.35 13.57 7.47
CA VAL A 54 4.94 13.88 7.39
C VAL A 54 4.28 13.48 8.72
N ARG A 55 3.38 14.34 9.18
CA ARG A 55 2.55 14.05 10.35
C ARG A 55 1.10 13.88 9.88
N VAL A 56 0.59 12.68 10.02
CA VAL A 56 -0.76 12.34 9.58
C VAL A 56 -1.24 11.11 10.33
N LEU A 57 -2.56 10.87 10.37
CA LEU A 57 -3.16 9.62 10.90
C LEU A 57 -2.84 9.38 12.40
N GLY A 58 -2.53 10.45 13.14
CA GLY A 58 -2.02 10.40 14.54
C GLY A 58 -0.56 9.94 14.74
N HIS A 59 0.30 10.20 13.73
CA HIS A 59 1.63 9.60 13.66
C HIS A 59 2.65 10.43 12.84
N LYS A 60 3.89 10.38 13.29
CA LYS A 60 5.05 10.82 12.52
C LYS A 60 5.38 9.72 11.50
N PHE A 61 5.62 10.10 10.27
CA PHE A 61 6.20 9.23 9.26
C PHE A 61 7.52 9.87 8.82
N ARG A 62 8.62 9.17 9.09
CA ARG A 62 9.98 9.62 8.76
C ARG A 62 10.10 9.99 7.27
N ASN A 63 9.50 9.20 6.41
CA ASN A 63 9.39 9.58 5.01
C ASN A 63 8.05 9.10 4.51
N PRO A 64 7.62 9.55 3.32
CA PRO A 64 6.26 9.27 2.89
C PRO A 64 6.11 8.07 1.96
N VAL A 65 7.14 7.24 1.82
CA VAL A 65 7.17 6.19 0.83
C VAL A 65 6.99 4.88 1.60
N GLY A 66 5.85 4.22 1.37
CA GLY A 66 5.49 2.98 2.08
C GLY A 66 5.52 1.81 1.13
N ILE A 67 5.56 0.63 1.70
CA ILE A 67 5.42 -0.63 0.95
C ILE A 67 3.92 -0.95 1.01
N ALA A 68 3.35 -1.14 -0.16
CA ALA A 68 1.93 -1.43 -0.31
C ALA A 68 1.62 -2.85 0.14
N ALA A 69 0.38 -3.04 0.57
CA ALA A 69 -0.17 -4.38 0.86
C ALA A 69 0.06 -5.37 -0.25
N GLY A 70 0.24 -6.62 0.13
CA GLY A 70 0.45 -7.71 -0.82
C GLY A 70 1.85 -8.26 -0.90
N PHE A 71 2.85 -7.43 -0.64
CA PHE A 71 4.23 -7.93 -0.67
C PHE A 71 4.45 -8.84 0.57
N ASP A 72 4.12 -8.33 1.74
CA ASP A 72 4.23 -9.04 3.01
C ASP A 72 2.86 -9.29 3.56
N LYS A 73 2.20 -10.27 2.98
CA LYS A 73 0.83 -10.63 3.31
C LYS A 73 0.68 -11.13 4.73
N HIS A 74 1.72 -11.79 5.23
CA HIS A 74 1.62 -12.49 6.52
C HIS A 74 2.50 -11.88 7.64
N GLY A 75 3.05 -10.68 7.41
CA GLY A 75 3.83 -9.98 8.42
C GLY A 75 5.15 -10.61 8.79
N GLU A 76 5.80 -11.22 7.80
CA GLU A 76 7.04 -11.96 7.99
C GLU A 76 8.29 -11.12 7.81
N ALA A 77 8.17 -9.95 7.19
CA ALA A 77 9.33 -9.24 6.65
C ALA A 77 9.36 -7.76 7.05
N VAL A 78 8.63 -7.43 8.13
CA VAL A 78 8.33 -6.04 8.50
C VAL A 78 9.67 -5.32 8.77
N ASP A 79 10.55 -5.95 9.54
CA ASP A 79 11.79 -5.32 9.95
C ASP A 79 12.73 -5.09 8.76
N GLY A 80 12.84 -6.07 7.87
CA GLY A 80 13.60 -5.90 6.64
C GLY A 80 13.04 -4.82 5.71
N LEU A 81 11.75 -4.64 5.70
CA LEU A 81 11.12 -3.55 4.93
C LEU A 81 11.48 -2.13 5.44
N TYR A 82 11.54 -1.94 6.76
CA TYR A 82 12.08 -0.66 7.30
C TYR A 82 13.57 -0.48 6.95
N LYS A 83 14.32 -1.57 7.05
CA LYS A 83 15.72 -1.59 6.65
C LYS A 83 15.91 -1.22 5.17
N MET A 84 14.99 -1.65 4.33
CA MET A 84 14.96 -1.23 2.89
C MET A 84 14.75 0.29 2.69
N GLY A 85 14.20 0.97 3.71
CA GLY A 85 14.07 2.43 3.75
C GLY A 85 12.65 2.94 3.60
N PHE A 86 11.63 2.07 3.65
CA PHE A 86 10.25 2.51 3.67
C PHE A 86 9.96 3.24 4.97
N GLY A 87 9.21 4.34 4.86
CA GLY A 87 8.84 5.13 6.04
C GLY A 87 7.67 4.53 6.79
N PHE A 88 6.97 3.58 6.17
CA PHE A 88 5.94 2.82 6.81
C PHE A 88 5.70 1.54 6.04
N VAL A 89 5.11 0.58 6.71
CA VAL A 89 4.93 -0.76 6.19
C VAL A 89 3.48 -1.15 6.36
N GLU A 90 2.91 -1.74 5.32
CA GLU A 90 1.56 -2.22 5.38
C GLU A 90 1.62 -3.69 5.11
N ILE A 91 1.14 -4.48 6.06
CA ILE A 91 1.03 -5.92 5.87
C ILE A 91 -0.38 -6.35 5.47
N GLY A 92 -0.48 -7.56 4.93
CA GLY A 92 -1.73 -8.14 4.57
C GLY A 92 -1.93 -8.12 3.07
N SER A 93 -3.13 -8.46 2.59
CA SER A 93 -4.35 -8.61 3.38
C SER A 93 -4.29 -9.89 4.23
N VAL A 94 -4.82 -9.79 5.44
CA VAL A 94 -4.95 -10.94 6.36
C VAL A 94 -6.42 -11.28 6.50
N THR A 95 -6.79 -12.55 6.31
CA THR A 95 -8.16 -13.03 6.45
C THR A 95 -8.33 -13.70 7.81
N PRO A 96 -9.56 -13.80 8.31
CA PRO A 96 -9.74 -14.45 9.62
C PRO A 96 -9.19 -15.82 9.78
N LYS A 97 -9.59 -16.70 8.89
CA LYS A 97 -9.14 -18.08 8.87
C LYS A 97 -8.05 -18.18 7.82
N PRO A 98 -7.12 -19.15 8.00
CA PRO A 98 -6.11 -19.37 6.96
C PRO A 98 -6.79 -19.80 5.65
N GLN A 99 -6.30 -19.31 4.53
CA GLN A 99 -6.80 -19.85 3.26
C GLN A 99 -5.71 -19.86 2.21
N GLU A 100 -5.84 -20.79 1.27
CA GLU A 100 -4.82 -21.03 0.25
C GLU A 100 -4.74 -19.98 -0.84
N GLY A 101 -5.85 -19.29 -1.12
CA GLY A 101 -5.94 -18.41 -2.28
C GLY A 101 -6.18 -19.23 -3.53
N ASN A 102 -6.04 -18.60 -4.71
CA ASN A 102 -6.35 -19.25 -5.98
C ASN A 102 -5.29 -20.30 -6.39
N PRO A 103 -5.64 -21.21 -7.33
CA PRO A 103 -4.62 -22.08 -7.96
C PRO A 103 -3.49 -21.34 -8.69
N ARG A 104 -2.29 -21.92 -8.64
CA ARG A 104 -1.11 -21.42 -9.34
CA ARG A 104 -1.12 -21.42 -9.34
C ARG A 104 -1.17 -21.88 -10.81
N PRO A 105 -0.71 -21.09 -11.78
CA PRO A 105 -0.09 -19.78 -11.62
C PRO A 105 -1.15 -18.70 -11.38
N ARG A 106 -0.79 -17.76 -10.54
CA ARG A 106 -1.64 -16.64 -10.19
C ARG A 106 -0.91 -15.30 -10.12
N VAL A 107 0.32 -15.21 -10.62
CA VAL A 107 1.06 -13.95 -10.74
C VAL A 107 1.76 -13.96 -12.10
N PHE A 108 1.70 -12.85 -12.82
CA PHE A 108 2.15 -12.79 -14.21
C PHE A 108 2.87 -11.47 -14.43
N ARG A 109 4.04 -11.53 -15.05
CA ARG A 109 4.87 -10.38 -15.31
C ARG A 109 4.62 -9.90 -16.72
N LEU A 110 4.52 -8.59 -16.86
CA LEU A 110 4.37 -7.91 -18.14
C LEU A 110 5.54 -6.93 -18.18
N PRO A 111 6.77 -7.44 -18.36
CA PRO A 111 7.94 -6.56 -18.27
C PRO A 111 7.97 -5.40 -19.30
N GLU A 112 7.43 -5.64 -20.48
CA GLU A 112 7.32 -4.63 -21.52
C GLU A 112 6.47 -3.46 -21.06
N ASP A 113 5.51 -3.72 -20.17
CA ASP A 113 4.58 -2.73 -19.69
C ASP A 113 4.93 -2.23 -18.28
N GLN A 114 5.99 -2.77 -17.67
CA GLN A 114 6.41 -2.46 -16.30
C GLN A 114 5.19 -2.67 -15.39
N ALA A 115 4.52 -3.81 -15.63
CA ALA A 115 3.28 -4.18 -14.98
C ALA A 115 3.31 -5.63 -14.51
N VAL A 116 2.47 -5.90 -13.51
CA VAL A 116 2.17 -7.24 -13.06
C VAL A 116 0.64 -7.40 -13.12
N ILE A 117 0.18 -8.63 -13.35
CA ILE A 117 -1.20 -9.03 -13.08
C ILE A 117 -1.16 -10.09 -12.01
N ASN A 118 -1.98 -9.94 -10.98
CA ASN A 118 -2.07 -10.97 -9.95
C ASN A 118 -3.52 -11.37 -9.71
N ARG A 119 -3.69 -12.64 -9.35
CA ARG A 119 -4.94 -13.14 -8.81
C ARG A 119 -4.64 -14.10 -7.64
N TYR A 120 -3.87 -13.63 -6.67
CA TYR A 120 -3.57 -14.44 -5.46
C TYR A 120 -4.85 -14.99 -4.77
N GLY A 121 -5.90 -14.18 -4.72
CA GLY A 121 -7.16 -14.58 -4.09
C GLY A 121 -7.08 -14.64 -2.57
N PHE A 122 -6.34 -13.69 -2.00
CA PHE A 122 -6.24 -13.51 -0.56
C PHE A 122 -5.71 -14.72 0.18
N ASN A 123 -4.59 -15.22 -0.33
CA ASN A 123 -3.86 -16.29 0.37
C ASN A 123 -3.36 -15.66 1.67
N SER A 124 -3.66 -16.31 2.79
CA SER A 124 -3.37 -15.72 4.09
C SER A 124 -3.09 -16.81 5.08
N HIS A 125 -2.16 -16.54 5.98
CA HIS A 125 -1.88 -17.42 7.13
C HIS A 125 -2.95 -17.31 8.20
N GLY A 126 -3.78 -16.27 8.14
CA GLY A 126 -4.90 -16.14 9.07
C GLY A 126 -4.54 -15.17 10.19
N LEU A 127 -5.56 -14.60 10.81
CA LEU A 127 -5.34 -13.64 11.93
C LEU A 127 -4.49 -14.20 13.04
N SER A 128 -4.74 -15.45 13.45
CA SER A 128 -4.07 -15.99 14.63
C SER A 128 -2.52 -16.14 14.45
N VAL A 129 -2.09 -16.69 13.31
CA VAL A 129 -0.64 -16.77 12.98
C VAL A 129 -0.03 -15.37 12.91
N VAL A 130 -0.72 -14.41 12.27
CA VAL A 130 -0.17 -13.07 12.06
C VAL A 130 -0.11 -12.34 13.44
N GLU A 131 -1.17 -12.45 14.23
CA GLU A 131 -1.21 -11.94 15.60
C GLU A 131 0.02 -12.41 16.43
N HIS A 132 0.25 -13.72 16.49
CA HIS A 132 1.42 -14.23 17.23
C HIS A 132 2.75 -13.71 16.68
N ARG A 133 2.80 -13.59 15.36
CA ARG A 133 3.98 -13.05 14.68
C ARG A 133 4.24 -11.59 15.05
N LEU A 134 3.19 -10.78 15.09
CA LEU A 134 3.35 -9.38 15.51
C LEU A 134 3.58 -9.27 16.98
N ARG A 135 2.94 -10.15 17.76
CA ARG A 135 3.19 -10.14 19.22
C ARG A 135 4.66 -10.37 19.57
N ALA A 136 5.34 -11.23 18.83
CA ALA A 136 6.78 -11.53 19.05
C ALA A 136 7.67 -10.28 19.00
N ARG A 137 7.27 -9.30 18.20
CA ARG A 137 8.05 -8.09 17.94
C ARG A 137 7.30 -6.83 18.30
N GLN A 138 6.35 -6.93 19.24
CA GLN A 138 5.39 -5.86 19.54
C GLN A 138 6.14 -4.62 20.06
N GLN A 139 7.06 -4.84 20.97
CA GLN A 139 7.81 -3.74 21.59
C GLN A 139 8.84 -3.16 20.67
N LYS A 140 9.39 -3.99 19.78
CA LYS A 140 10.26 -3.49 18.71
C LYS A 140 9.47 -2.52 17.83
N GLN A 141 8.23 -2.88 17.48
CA GLN A 141 7.36 -2.01 16.71
C GLN A 141 6.95 -0.75 17.43
N ALA A 142 6.66 -0.82 18.73
CA ALA A 142 6.38 0.41 19.50
C ALA A 142 7.50 1.47 19.42
N LYS A 143 8.75 1.00 19.45
CA LYS A 143 9.92 1.87 19.31
C LYS A 143 10.02 2.39 17.88
N LEU A 144 9.73 1.55 16.88
CA LEU A 144 9.80 1.96 15.48
C LEU A 144 8.79 3.07 15.18
N THR A 145 7.55 2.86 15.62
CA THR A 145 6.45 3.81 15.49
C THR A 145 6.78 5.17 16.13
N GLU A 146 7.26 5.12 17.35
CA GLU A 146 7.81 6.27 18.08
C GLU A 146 8.90 7.01 17.30
N ASP A 147 9.74 6.27 16.58
CA ASP A 147 10.79 6.83 15.74
C ASP A 147 10.36 7.22 14.30
N GLY A 148 9.05 7.26 14.03
CA GLY A 148 8.50 7.68 12.77
C GLY A 148 8.38 6.58 11.75
N LEU A 149 8.30 5.31 12.19
CA LEU A 149 8.18 4.19 11.27
C LEU A 149 6.95 3.32 11.59
N PRO A 150 5.74 3.82 11.23
CA PRO A 150 4.53 3.07 11.64
C PRO A 150 4.17 1.83 10.78
N LEU A 151 3.24 1.04 11.33
CA LEU A 151 2.83 -0.26 10.80
C LEU A 151 1.36 -0.24 10.52
N GLY A 152 1.00 -0.64 9.32
CA GLY A 152 -0.38 -0.77 8.89
C GLY A 152 -0.70 -2.21 8.66
N VAL A 153 -1.98 -2.55 8.81
CA VAL A 153 -2.47 -3.94 8.59
C VAL A 153 -3.71 -3.89 7.75
N ASN A 154 -3.69 -4.59 6.62
CA ASN A 154 -4.79 -4.65 5.72
C ASN A 154 -5.57 -5.93 6.04
N LEU A 155 -6.88 -5.77 6.29
CA LEU A 155 -7.76 -6.81 6.71
C LEU A 155 -8.64 -7.27 5.55
N GLY A 156 -8.63 -8.58 5.32
CA GLY A 156 -9.47 -9.23 4.33
C GLY A 156 -10.55 -10.07 4.94
N LYS A 157 -11.23 -10.77 4.05
CA LYS A 157 -12.31 -11.66 4.42
C LYS A 157 -12.09 -12.97 3.69
N ASN A 158 -12.61 -14.01 4.30
CA ASN A 158 -12.46 -15.33 3.75
C ASN A 158 -13.39 -15.47 2.57
N LYS A 159 -12.91 -16.21 1.58
CA LYS A 159 -13.65 -16.47 0.34
C LYS A 159 -15.11 -16.89 0.56
N THR A 160 -15.31 -17.81 1.49
CA THR A 160 -16.60 -18.44 1.70
C THR A 160 -17.49 -17.74 2.73
N SER A 161 -17.06 -16.61 3.31
CA SER A 161 -17.75 -16.09 4.50
C SER A 161 -19.13 -15.46 4.14
N VAL A 162 -20.12 -15.77 4.98
CA VAL A 162 -21.47 -15.19 4.85
C VAL A 162 -21.54 -13.68 5.15
N ASP A 163 -20.72 -13.22 6.10
CA ASP A 163 -20.85 -11.91 6.75
C ASP A 163 -19.51 -11.17 6.65
N ALA A 164 -19.34 -10.46 5.52
CA ALA A 164 -18.20 -9.59 5.29
C ALA A 164 -17.81 -8.71 6.49
N ALA A 165 -18.78 -7.97 7.00
CA ALA A 165 -18.61 -7.09 8.17
C ALA A 165 -18.05 -7.82 9.40
N GLU A 166 -18.52 -9.04 9.66
CA GLU A 166 -18.03 -9.79 10.82
C GLU A 166 -16.56 -10.22 10.61
N ASP A 167 -16.16 -10.62 9.40
CA ASP A 167 -14.76 -10.92 9.13
C ASP A 167 -13.88 -9.72 9.43
N TYR A 168 -14.27 -8.54 8.96
CA TYR A 168 -13.46 -7.33 9.16
C TYR A 168 -13.42 -6.97 10.63
N ALA A 169 -14.57 -7.14 11.31
CA ALA A 169 -14.68 -6.94 12.76
C ALA A 169 -13.71 -7.82 13.50
N GLU A 170 -13.61 -9.08 13.10
CA GLU A 170 -12.65 -10.06 13.71
C GLU A 170 -11.24 -9.54 13.58
N GLY A 171 -10.90 -9.05 12.37
CA GLY A 171 -9.62 -8.43 12.10
C GLY A 171 -9.30 -7.24 12.97
N VAL A 172 -10.29 -6.36 13.14
CA VAL A 172 -10.12 -5.20 14.02
C VAL A 172 -9.78 -5.69 15.43
N ARG A 173 -10.56 -6.63 15.96
CA ARG A 173 -10.36 -7.08 17.36
C ARG A 173 -8.96 -7.77 17.54
N VAL A 174 -8.52 -8.55 16.55
CA VAL A 174 -7.33 -9.35 16.70
C VAL A 174 -6.08 -8.56 16.39
N LEU A 175 -6.06 -7.83 15.27
CA LEU A 175 -4.85 -7.12 14.83
C LEU A 175 -4.84 -5.64 15.05
N GLY A 176 -6.02 -5.03 15.24
CA GLY A 176 -6.10 -3.63 15.64
C GLY A 176 -5.26 -3.17 16.83
N PRO A 177 -5.12 -4.04 17.85
CA PRO A 177 -4.25 -3.70 18.97
C PRO A 177 -2.76 -3.68 18.63
N LEU A 178 -2.38 -4.27 17.50
CA LEU A 178 -0.98 -4.35 17.08
C LEU A 178 -0.67 -3.42 15.87
N ALA A 179 -1.64 -2.65 15.40
CA ALA A 179 -1.51 -1.83 14.23
C ALA A 179 -1.55 -0.35 14.56
N ASP A 180 -0.84 0.44 13.74
CA ASP A 180 -0.97 1.89 13.81
C ASP A 180 -2.13 2.35 12.99
N TYR A 181 -2.40 1.67 11.87
CA TYR A 181 -3.65 1.82 11.14
C TYR A 181 -4.09 0.49 10.55
N LEU A 182 -5.39 0.43 10.29
CA LEU A 182 -6.08 -0.72 9.71
C LEU A 182 -6.63 -0.29 8.37
N VAL A 183 -6.73 -1.24 7.44
CA VAL A 183 -7.27 -0.99 6.10
C VAL A 183 -8.31 -2.04 5.74
N VAL A 184 -9.46 -1.56 5.26
CA VAL A 184 -10.55 -2.39 4.74
C VAL A 184 -10.66 -2.07 3.23
N ASN A 185 -10.48 -3.05 2.34
CA ASN A 185 -10.80 -2.87 0.91
C ASN A 185 -12.32 -2.84 0.65
N VAL A 186 -12.80 -1.96 -0.24
CA VAL A 186 -14.24 -1.96 -0.64
C VAL A 186 -14.33 -2.09 -2.15
N SER A 187 -15.42 -2.70 -2.64
CA SER A 187 -15.71 -2.86 -4.09
C SER A 187 -16.57 -1.69 -4.58
N GLY A 199 -26.75 -0.46 -1.35
CA GLY A 199 -25.46 -0.06 -1.92
C GLY A 199 -24.69 0.82 -0.93
N LYS A 200 -24.94 2.12 -0.99
CA LYS A 200 -24.38 3.09 -0.04
C LYS A 200 -24.76 2.76 1.43
N ALA A 201 -26.02 2.37 1.68
CA ALA A 201 -26.47 1.93 3.02
C ALA A 201 -25.76 0.67 3.54
N GLU A 202 -25.29 -0.21 2.64
CA GLU A 202 -24.56 -1.42 3.02
C GLU A 202 -23.10 -1.11 3.35
N LEU A 203 -22.53 -0.16 2.63
CA LEU A 203 -21.21 0.35 2.91
C LEU A 203 -21.19 1.05 4.27
N ARG A 204 -22.19 1.88 4.52
CA ARG A 204 -22.33 2.57 5.81
C ARG A 204 -22.49 1.59 6.98
N ARG A 205 -23.27 0.52 6.77
CA ARG A 205 -23.48 -0.54 7.76
CA ARG A 205 -23.46 -0.54 7.78
C ARG A 205 -22.14 -1.23 8.10
N LEU A 206 -21.45 -1.67 7.06
CA LEU A 206 -20.13 -2.33 7.18
C LEU A 206 -19.09 -1.42 7.91
N LEU A 207 -18.94 -0.18 7.46
CA LEU A 207 -17.98 0.74 8.07
C LEU A 207 -18.38 1.19 9.47
N THR A 208 -19.68 1.36 9.73
CA THR A 208 -20.18 1.55 11.09
C THR A 208 -19.71 0.45 12.06
N LYS A 209 -19.85 -0.81 11.64
CA LYS A 209 -19.49 -1.95 12.49
C LYS A 209 -17.97 -1.97 12.76
N VAL A 210 -17.18 -1.70 11.72
CA VAL A 210 -15.73 -1.60 11.80
C VAL A 210 -15.25 -0.53 12.80
N LEU A 211 -15.78 0.68 12.65
CA LEU A 211 -15.46 1.77 13.56
C LEU A 211 -15.92 1.53 14.99
N GLN A 212 -17.06 0.87 15.17
CA GLN A 212 -17.58 0.55 16.47
C GLN A 212 -16.57 -0.40 17.14
N GLU A 213 -16.11 -1.43 16.42
CA GLU A 213 -15.15 -2.38 17.00
C GLU A 213 -13.84 -1.69 17.36
N ARG A 214 -13.36 -0.84 16.46
CA ARG A 214 -12.14 -0.07 16.68
C ARG A 214 -12.23 0.80 17.92
N ASP A 215 -13.35 1.50 18.06
CA ASP A 215 -13.58 2.37 19.19
C ASP A 215 -13.69 1.60 20.53
N GLY A 216 -14.05 0.32 20.49
CA GLY A 216 -14.02 -0.53 21.64
C GLY A 216 -12.66 -1.01 22.12
N LEU A 217 -11.57 -0.72 21.40
CA LEU A 217 -10.20 -1.08 21.84
C LEU A 217 -9.66 -0.03 22.70
N ARG A 218 -8.82 -0.43 23.65
CA ARG A 218 -8.29 0.51 24.69
C ARG A 218 -7.49 1.61 24.03
N ARG A 219 -7.57 2.82 24.59
CA ARG A 219 -7.04 4.06 23.95
C ARG A 219 -5.64 3.88 23.33
N VAL A 220 -4.67 3.32 24.07
CA VAL A 220 -3.28 3.15 23.52
C VAL A 220 -3.13 2.10 22.40
N HIS A 221 -4.11 1.22 22.26
CA HIS A 221 -4.14 0.19 21.21
C HIS A 221 -5.17 0.48 20.11
N ARG A 222 -5.47 1.76 19.88
CA ARG A 222 -6.56 2.17 18.99
C ARG A 222 -6.01 2.69 17.63
N PRO A 223 -6.12 1.88 16.56
CA PRO A 223 -5.54 2.25 15.29
C PRO A 223 -6.48 3.19 14.49
N ALA A 224 -5.90 3.92 13.55
CA ALA A 224 -6.68 4.62 12.52
C ALA A 224 -7.29 3.57 11.58
N VAL A 225 -8.47 3.88 11.02
CA VAL A 225 -9.15 3.00 10.04
C VAL A 225 -9.14 3.75 8.70
N LEU A 226 -8.61 3.07 7.68
CA LEU A 226 -8.62 3.53 6.29
C LEU A 226 -9.42 2.59 5.40
N VAL A 227 -9.98 3.17 4.32
CA VAL A 227 -10.71 2.47 3.29
C VAL A 227 -9.88 2.52 2.01
N LYS A 228 -9.74 1.37 1.35
CA LYS A 228 -8.91 1.22 0.17
C LYS A 228 -9.82 0.87 -0.99
N ILE A 229 -9.69 1.65 -2.05
CA ILE A 229 -10.59 1.57 -3.21
C ILE A 229 -9.79 1.14 -4.42
N ALA A 230 -10.43 0.45 -5.32
CA ALA A 230 -9.88 0.17 -6.64
C ALA A 230 -10.06 1.41 -7.51
N PRO A 231 -9.36 1.48 -8.67
CA PRO A 231 -9.61 2.56 -9.60
C PRO A 231 -10.79 2.32 -10.50
N ASP A 232 -11.55 1.24 -10.35
CA ASP A 232 -12.60 0.86 -11.34
C ASP A 232 -14.03 1.28 -10.95
N LEU A 233 -14.15 2.10 -9.91
CA LEU A 233 -15.43 2.49 -9.38
C LEU A 233 -16.12 3.50 -10.28
N THR A 234 -17.45 3.46 -10.34
CA THR A 234 -18.21 4.50 -11.04
C THR A 234 -18.10 5.85 -10.28
N SER A 235 -18.44 6.93 -10.98
CA SER A 235 -18.59 8.26 -10.38
C SER A 235 -19.56 8.22 -9.17
N GLN A 236 -20.67 7.49 -9.31
CA GLN A 236 -21.66 7.29 -8.23
CA GLN A 236 -21.66 7.27 -8.25
C GLN A 236 -21.04 6.54 -7.05
N ASP A 237 -20.24 5.50 -7.30
CA ASP A 237 -19.53 4.79 -6.22
C ASP A 237 -18.58 5.74 -5.45
N LYS A 238 -17.78 6.54 -6.19
CA LYS A 238 -16.82 7.46 -5.58
C LYS A 238 -17.52 8.57 -4.78
N GLU A 239 -18.65 9.06 -5.26
CA GLU A 239 -19.40 10.10 -4.55
C GLU A 239 -20.02 9.54 -3.26
N ASP A 240 -20.50 8.29 -3.33
CA ASP A 240 -21.08 7.60 -2.16
C ASP A 240 -20.02 7.28 -1.10
N ILE A 241 -18.86 6.79 -1.53
CA ILE A 241 -17.72 6.57 -0.63
C ILE A 241 -17.26 7.84 0.06
N ALA A 242 -17.08 8.94 -0.70
CA ALA A 242 -16.67 10.20 -0.07
C ALA A 242 -17.67 10.64 1.01
N SER A 243 -18.95 10.51 0.70
CA SER A 243 -20.03 10.91 1.58
C SER A 243 -20.01 10.09 2.89
N VAL A 244 -19.89 8.77 2.76
CA VAL A 244 -19.88 7.85 3.91
C VAL A 244 -18.63 8.05 4.75
N VAL A 245 -17.46 8.15 4.10
CA VAL A 245 -16.16 8.44 4.76
C VAL A 245 -16.25 9.71 5.63
N LYS A 246 -16.84 10.76 5.11
CA LYS A 246 -17.01 12.03 5.85
C LYS A 246 -18.00 11.89 6.99
N GLU A 247 -19.19 11.39 6.67
CA GLU A 247 -20.25 11.12 7.65
C GLU A 247 -19.77 10.30 8.87
N LEU A 248 -19.06 9.20 8.62
CA LEU A 248 -18.66 8.28 9.67
C LEU A 248 -17.37 8.67 10.41
N GLY A 249 -16.59 9.62 9.88
CA GLY A 249 -15.27 9.94 10.43
C GLY A 249 -14.21 8.86 10.21
N ILE A 250 -14.28 8.17 9.07
CA ILE A 250 -13.18 7.30 8.59
C ILE A 250 -11.90 8.16 8.55
N ASP A 251 -10.76 7.57 8.92
CA ASP A 251 -9.53 8.38 9.13
C ASP A 251 -8.80 8.68 7.81
N GLY A 252 -9.00 7.86 6.79
CA GLY A 252 -8.30 8.03 5.55
C GLY A 252 -8.71 7.06 4.49
N LEU A 253 -8.09 7.26 3.34
CA LEU A 253 -8.32 6.53 2.13
C LEU A 253 -7.03 6.05 1.52
N ILE A 254 -7.01 4.84 0.99
CA ILE A 254 -5.86 4.34 0.24
C ILE A 254 -6.36 4.23 -1.20
N VAL A 255 -5.69 4.94 -2.08
CA VAL A 255 -6.16 5.18 -3.45
C VAL A 255 -4.95 4.90 -4.38
N THR A 256 -4.82 3.76 -5.07
CA THR A 256 -5.79 2.71 -5.29
C THR A 256 -5.19 1.32 -5.21
N ASN A 257 -6.10 0.33 -5.22
CA ASN A 257 -5.82 -1.07 -5.46
C ASN A 257 -5.46 -1.29 -6.95
N THR A 258 -5.36 -2.54 -7.37
CA THR A 258 -5.14 -2.86 -8.78
C THR A 258 -6.42 -2.65 -9.57
N THR A 259 -6.25 -2.60 -10.87
CA THR A 259 -7.33 -2.40 -11.82
C THR A 259 -7.67 -3.72 -12.49
N VAL A 260 -8.97 -3.99 -12.60
CA VAL A 260 -9.50 -5.08 -13.45
C VAL A 260 -9.65 -4.66 -14.92
N SER A 261 -9.44 -3.38 -15.24
CA SER A 261 -9.34 -2.92 -16.63
C SER A 261 -8.03 -3.34 -17.28
N ARG A 262 -8.02 -3.23 -18.61
CA ARG A 262 -6.83 -3.46 -19.38
C ARG A 262 -6.70 -2.24 -20.29
N PRO A 263 -5.95 -1.21 -19.84
CA PRO A 263 -5.73 -0.01 -20.65
C PRO A 263 -5.23 -0.39 -22.01
N ALA A 264 -5.81 0.22 -23.05
CA ALA A 264 -5.30 0.07 -24.42
C ALA A 264 -3.77 0.26 -24.45
N GLY A 265 -3.10 -0.58 -25.20
CA GLY A 265 -1.66 -0.45 -25.38
C GLY A 265 -0.78 -1.39 -24.58
N LEU A 266 -1.36 -2.26 -23.75
CA LEU A 266 -0.57 -3.32 -23.12
C LEU A 266 0.00 -4.25 -24.18
N GLN A 267 1.29 -4.57 -24.02
CA GLN A 267 2.01 -5.45 -24.95
C GLN A 267 2.31 -6.80 -24.43
N GLY A 268 2.42 -6.98 -23.12
CA GLY A 268 2.82 -8.27 -22.56
C GLY A 268 1.91 -9.36 -23.11
N ALA A 269 2.50 -10.51 -23.38
CA ALA A 269 1.73 -11.70 -23.84
C ALA A 269 0.60 -12.14 -22.86
N LEU A 270 0.79 -11.85 -21.57
CA LEU A 270 -0.09 -12.27 -20.48
C LEU A 270 -1.13 -11.23 -20.10
N ARG A 271 -1.29 -10.20 -20.93
CA ARG A 271 -2.24 -9.12 -20.69
C ARG A 271 -3.68 -9.55 -20.49
N SER A 272 -4.11 -10.67 -21.09
CA SER A 272 -5.47 -11.19 -20.93
C SER A 272 -5.67 -12.16 -19.79
N GLU A 273 -4.68 -12.34 -18.92
CA GLU A 273 -4.87 -13.08 -17.70
C GLU A 273 -5.81 -12.34 -16.75
N THR A 274 -6.73 -13.11 -16.18
CA THR A 274 -7.61 -12.62 -15.10
C THR A 274 -6.79 -12.18 -13.96
N GLY A 275 -7.13 -10.99 -13.45
CA GLY A 275 -6.57 -10.51 -12.21
C GLY A 275 -6.45 -9.00 -12.19
N GLY A 276 -5.78 -8.52 -11.16
CA GLY A 276 -5.52 -7.12 -10.96
C GLY A 276 -4.20 -6.71 -11.58
N LEU A 277 -4.25 -5.66 -12.37
CA LEU A 277 -3.09 -5.08 -13.06
C LEU A 277 -2.51 -3.95 -12.17
N SER A 278 -1.19 -4.00 -11.99
CA SER A 278 -0.42 -3.06 -11.25
C SER A 278 0.70 -2.47 -12.08
N GLY A 279 1.38 -1.48 -11.52
CA GLY A 279 2.57 -0.89 -12.12
C GLY A 279 2.24 0.25 -13.04
N LYS A 280 3.13 0.48 -14.00
CA LYS A 280 3.05 1.72 -14.85
C LYS A 280 1.68 2.02 -15.54
N PRO A 281 1.00 1.01 -16.12
CA PRO A 281 -0.29 1.32 -16.75
C PRO A 281 -1.45 1.70 -15.75
N LEU A 282 -1.28 1.42 -14.46
CA LEU A 282 -2.16 1.89 -13.41
C LEU A 282 -1.87 3.30 -12.94
N ARG A 283 -0.67 3.82 -13.24
CA ARG A 283 -0.20 5.08 -12.65
C ARG A 283 -1.21 6.25 -12.71
N ASP A 284 -1.55 6.65 -13.93
CA ASP A 284 -2.36 7.85 -14.10
C ASP A 284 -3.85 7.67 -13.75
N LEU A 285 -4.39 6.47 -13.90
CA LEU A 285 -5.71 6.08 -13.37
C LEU A 285 -5.80 6.32 -11.86
N SER A 286 -4.77 5.82 -11.17
CA SER A 286 -4.59 6.00 -9.76
C SER A 286 -4.44 7.47 -9.35
N THR A 287 -3.56 8.23 -10.01
CA THR A 287 -3.43 9.68 -9.71
C THR A 287 -4.76 10.46 -9.87
N GLN A 288 -5.46 10.18 -10.93
CA GLN A 288 -6.76 10.84 -11.16
C GLN A 288 -7.84 10.46 -10.13
N THR A 289 -7.79 9.22 -9.60
CA THR A 289 -8.64 8.80 -8.52
C THR A 289 -8.31 9.53 -7.22
N ILE A 290 -7.02 9.70 -6.95
CA ILE A 290 -6.58 10.53 -5.82
C ILE A 290 -7.16 11.92 -5.98
N ARG A 291 -6.98 12.46 -7.16
CA ARG A 291 -7.47 13.81 -7.46
C ARG A 291 -8.99 13.96 -7.20
N GLU A 292 -9.77 13.01 -7.71
CA GLU A 292 -11.23 13.06 -7.46
CA GLU A 292 -11.23 12.97 -7.48
C GLU A 292 -11.61 12.80 -5.98
N MET A 293 -10.93 11.88 -5.27
CA MET A 293 -11.24 11.60 -3.85
C MET A 293 -10.88 12.79 -2.94
N TYR A 294 -9.75 13.44 -3.22
CA TYR A 294 -9.36 14.67 -2.54
C TYR A 294 -10.38 15.82 -2.66
N ALA A 295 -10.89 16.03 -3.88
CA ALA A 295 -11.90 17.06 -4.11
C ALA A 295 -13.26 16.76 -3.47
N LEU A 296 -13.72 15.52 -3.62
CA LEU A 296 -14.97 15.06 -3.02
C LEU A 296 -14.96 15.01 -1.47
N THR A 297 -13.79 14.84 -0.86
CA THR A 297 -13.59 14.99 0.59
C THR A 297 -13.08 16.38 1.08
N GLN A 298 -12.96 17.36 0.18
CA GLN A 298 -12.57 18.75 0.47
C GLN A 298 -11.19 18.86 1.13
N GLY A 299 -10.28 17.97 0.77
CA GLY A 299 -8.98 17.93 1.39
C GLY A 299 -8.88 17.53 2.86
N ARG A 300 -9.97 17.01 3.43
CA ARG A 300 -10.10 16.78 4.88
C ARG A 300 -9.82 15.36 5.31
N VAL A 301 -9.61 14.46 4.35
CA VAL A 301 -9.45 13.05 4.59
C VAL A 301 -8.10 12.68 4.00
N PRO A 302 -7.10 12.33 4.85
CA PRO A 302 -5.77 11.94 4.40
C PRO A 302 -5.80 10.79 3.41
N ILE A 303 -5.05 10.93 2.33
CA ILE A 303 -5.01 9.93 1.24
C ILE A 303 -3.60 9.38 1.18
N ILE A 304 -3.52 8.07 1.13
CA ILE A 304 -2.29 7.35 0.77
C ILE A 304 -2.46 7.03 -0.71
N GLY A 305 -1.54 7.55 -1.53
CA GLY A 305 -1.53 7.37 -2.97
C GLY A 305 -0.76 6.13 -3.39
N VAL A 306 -1.35 5.30 -4.24
CA VAL A 306 -0.65 4.07 -4.67
C VAL A 306 -1.07 3.68 -6.06
N GLY A 307 -0.12 3.19 -6.85
CA GLY A 307 -0.37 2.76 -8.21
C GLY A 307 0.66 3.31 -9.12
N GLY A 308 1.55 2.43 -9.61
CA GLY A 308 2.59 2.80 -10.53
C GLY A 308 3.60 3.85 -10.12
N VAL A 309 3.89 3.99 -8.81
CA VAL A 309 5.01 4.82 -8.34
C VAL A 309 6.35 4.09 -8.56
N SER A 310 7.20 4.62 -9.42
CA SER A 310 8.60 4.16 -9.58
C SER A 310 9.66 5.28 -9.61
N SER A 311 9.26 6.51 -9.36
CA SER A 311 10.17 7.63 -9.39
C SER A 311 9.64 8.70 -8.44
N GLY A 312 10.52 9.62 -8.11
CA GLY A 312 10.14 10.87 -7.40
C GLY A 312 9.06 11.67 -8.09
N GLN A 313 9.14 11.77 -9.43
CA GLN A 313 8.07 12.45 -10.19
C GLN A 313 6.72 11.79 -10.01
N ASP A 314 6.66 10.46 -10.11
CA ASP A 314 5.43 9.70 -9.85
C ASP A 314 4.91 9.98 -8.44
N ALA A 315 5.82 9.97 -7.49
CA ALA A 315 5.46 10.25 -6.10
C ALA A 315 4.91 11.66 -5.92
N LEU A 316 5.61 12.66 -6.48
CA LEU A 316 5.20 14.02 -6.32
C LEU A 316 3.86 14.29 -7.03
N GLU A 317 3.59 13.66 -8.17
CA GLU A 317 2.31 13.89 -8.87
C GLU A 317 1.12 13.46 -7.99
N LYS A 318 1.28 12.34 -7.26
CA LYS A 318 0.22 11.87 -6.36
C LYS A 318 0.10 12.75 -5.14
N ILE A 319 1.22 13.17 -4.56
CA ILE A 319 1.24 14.12 -3.47
C ILE A 319 0.54 15.40 -3.86
N ARG A 320 0.91 15.97 -5.02
CA ARG A 320 0.29 17.20 -5.45
C ARG A 320 -1.19 17.01 -5.79
N ALA A 321 -1.56 15.81 -6.25
CA ALA A 321 -2.97 15.47 -6.51
C ALA A 321 -3.84 15.34 -5.24
N GLY A 322 -3.22 15.19 -4.05
CA GLY A 322 -3.93 15.02 -2.79
C GLY A 322 -3.42 14.00 -1.80
N ALA A 323 -2.41 13.22 -2.19
CA ALA A 323 -1.89 12.19 -1.30
C ALA A 323 -0.94 12.78 -0.24
N SER A 324 -1.09 12.37 1.01
CA SER A 324 -0.17 12.70 2.08
C SER A 324 1.00 11.76 2.13
N LEU A 325 0.78 10.51 1.73
CA LEU A 325 1.74 9.44 1.74
C LEU A 325 1.59 8.68 0.44
N VAL A 326 2.64 7.97 0.06
CA VAL A 326 2.58 7.06 -1.08
C VAL A 326 3.02 5.67 -0.72
N GLN A 327 2.54 4.71 -1.49
CA GLN A 327 3.06 3.32 -1.45
C GLN A 327 3.46 2.89 -2.84
N LEU A 328 4.34 1.91 -2.86
CA LEU A 328 4.67 1.20 -4.08
C LEU A 328 4.85 -0.28 -3.73
N TYR A 329 4.53 -1.13 -4.70
CA TYR A 329 4.94 -2.52 -4.72
C TYR A 329 5.57 -2.88 -6.10
N THR A 330 4.79 -2.88 -7.16
CA THR A 330 5.30 -3.33 -8.51
C THR A 330 6.67 -2.86 -8.96
N ALA A 331 7.00 -1.59 -8.68
CA ALA A 331 8.34 -1.05 -9.05
C ALA A 331 9.48 -1.87 -8.42
N LEU A 332 9.26 -2.33 -7.19
CA LEU A 332 10.20 -3.24 -6.50
C LEU A 332 10.53 -4.52 -7.31
N THR A 333 9.56 -5.03 -8.07
CA THR A 333 9.74 -6.27 -8.85
C THR A 333 10.67 -6.11 -10.05
N PHE A 334 10.74 -4.88 -10.54
CA PHE A 334 11.61 -4.50 -11.65
C PHE A 334 12.91 -3.82 -11.25
N TRP A 335 12.89 -3.04 -10.18
CA TRP A 335 14.03 -2.22 -9.78
C TRP A 335 14.79 -2.82 -8.61
N GLY A 336 14.15 -3.69 -7.82
CA GLY A 336 14.67 -4.16 -6.58
C GLY A 336 14.72 -3.11 -5.48
N PRO A 337 15.28 -3.48 -4.33
CA PRO A 337 15.40 -2.61 -3.16
C PRO A 337 15.95 -1.17 -3.38
N PRO A 338 16.94 -0.97 -4.29
CA PRO A 338 17.40 0.40 -4.51
C PRO A 338 16.33 1.41 -4.97
N VAL A 339 15.18 0.96 -5.47
CA VAL A 339 14.10 1.87 -5.91
C VAL A 339 13.59 2.79 -4.79
N VAL A 340 13.67 2.33 -3.55
CA VAL A 340 13.13 3.05 -2.40
C VAL A 340 13.96 4.33 -2.18
N GLY A 341 15.29 4.17 -2.12
CA GLY A 341 16.24 5.28 -2.04
C GLY A 341 16.13 6.22 -3.24
N LYS A 342 15.88 5.66 -4.42
CA LYS A 342 15.74 6.43 -5.64
C LYS A 342 14.54 7.37 -5.58
N VAL A 343 13.39 6.81 -5.24
CA VAL A 343 12.14 7.59 -5.17
C VAL A 343 12.31 8.72 -4.15
N LYS A 344 12.86 8.41 -2.98
CA LYS A 344 13.05 9.40 -1.90
C LYS A 344 13.99 10.53 -2.31
N ARG A 345 15.13 10.18 -2.86
CA ARG A 345 16.10 11.16 -3.38
C ARG A 345 15.51 12.05 -4.46
N GLU A 346 14.78 11.45 -5.40
CA GLU A 346 14.19 12.22 -6.52
C GLU A 346 13.05 13.11 -6.03
N LEU A 347 12.24 12.58 -5.12
CA LEU A 347 11.18 13.36 -4.49
C LEU A 347 11.73 14.61 -3.74
N GLU A 348 12.74 14.40 -2.91
CA GLU A 348 13.43 15.52 -2.25
C GLU A 348 13.91 16.58 -3.24
N ALA A 349 14.62 16.16 -4.27
CA ALA A 349 15.11 17.08 -5.31
C ALA A 349 13.97 17.82 -6.03
N LEU A 350 12.92 17.11 -6.38
CA LEU A 350 11.74 17.76 -6.97
C LEU A 350 11.04 18.74 -6.06
N LEU A 351 10.87 18.38 -4.79
CA LEU A 351 10.34 19.31 -3.82
C LEU A 351 11.13 20.60 -3.76
N LYS A 352 12.46 20.53 -3.73
CA LYS A 352 13.30 21.74 -3.75
C LYS A 352 13.16 22.48 -5.06
N GLU A 353 13.13 21.76 -6.17
CA GLU A 353 12.97 22.40 -7.47
C GLU A 353 11.64 23.15 -7.61
N GLN A 354 10.56 22.68 -7.01
CA GLN A 354 9.26 23.34 -7.11
C GLN A 354 8.95 24.31 -5.98
N GLY A 355 9.94 24.54 -5.10
CA GLY A 355 9.88 25.54 -4.03
C GLY A 355 9.13 25.12 -2.76
N PHE A 356 8.88 23.83 -2.56
CA PHE A 356 8.23 23.34 -1.35
C PHE A 356 9.26 23.13 -0.27
N GLY A 357 8.98 23.69 0.91
CA GLY A 357 9.80 23.49 2.09
C GLY A 357 9.86 22.05 2.58
N GLY A 358 8.79 21.30 2.36
CA GLY A 358 8.78 19.88 2.60
C GLY A 358 7.61 19.25 1.91
N VAL A 359 7.47 17.94 2.11
CA VAL A 359 6.35 17.14 1.57
C VAL A 359 4.99 17.73 1.96
N THR A 360 4.84 18.16 3.21
CA THR A 360 3.59 18.70 3.73
C THR A 360 2.98 19.84 2.90
N ASP A 361 3.85 20.77 2.47
CA ASP A 361 3.47 21.93 1.64
C ASP A 361 2.96 21.53 0.25
N ALA A 362 3.45 20.41 -0.26
CA ALA A 362 3.08 19.91 -1.56
C ALA A 362 1.74 19.18 -1.59
N ILE A 363 1.25 18.70 -0.44
CA ILE A 363 0.04 17.86 -0.41
C ILE A 363 -1.14 18.68 -0.94
N GLY A 364 -1.77 18.18 -2.01
CA GLY A 364 -2.89 18.88 -2.62
C GLY A 364 -2.53 20.17 -3.36
N ALA A 365 -1.25 20.39 -3.68
CA ALA A 365 -0.81 21.69 -4.27
C ALA A 365 -1.48 21.98 -5.62
N ASP A 366 -1.81 20.94 -6.40
CA ASP A 366 -2.54 21.13 -7.67
C ASP A 366 -3.94 21.72 -7.50
N HIS A 367 -4.61 21.43 -6.37
CA HIS A 367 -6.02 21.87 -6.11
C HIS A 367 -6.15 23.34 -5.77
N ARG A 368 -5.05 23.98 -5.35
CA ARG A 368 -5.00 25.38 -4.90
C ARG A 368 -4.67 26.41 -6.00
N1 FMN B . -3.73 -4.87 -1.94
C2 FMN B . -4.41 -5.18 -0.83
O2 FMN B . -5.12 -4.29 -0.35
N3 FMN B . -4.34 -6.45 -0.29
C4 FMN B . -3.58 -7.42 -0.81
O4 FMN B . -3.55 -8.53 -0.25
C4A FMN B . -2.79 -7.15 -2.05
N5 FMN B . -2.02 -8.08 -2.67
C5A FMN B . -1.29 -7.79 -3.79
C6 FMN B . -0.46 -8.77 -4.35
C7 FMN B . 0.29 -8.49 -5.51
C7M FMN B . 1.17 -9.57 -6.08
C8 FMN B . 0.22 -7.14 -6.11
C8M FMN B . 1.01 -6.73 -7.34
C9 FMN B . -0.57 -6.17 -5.51
C9A FMN B . -1.35 -6.42 -4.38
N10 FMN B . -2.19 -5.43 -3.75
C10 FMN B . -2.93 -5.77 -2.59
C1' FMN B . -2.34 -4.08 -4.28
C2' FMN B . -1.19 -3.19 -3.90
O2' FMN B . -1.22 -2.97 -2.49
C3' FMN B . -1.28 -1.87 -4.66
O3' FMN B . -2.53 -1.24 -4.32
C4' FMN B . -1.24 -2.00 -6.20
O4' FMN B . -0.35 -3.03 -6.66
C5' FMN B . -0.82 -0.73 -6.88
O5' FMN B . 0.49 -0.32 -6.55
P FMN B . 1.77 -0.68 -7.48
O1P FMN B . 1.98 -2.16 -7.32
O2P FMN B . 1.42 -0.22 -8.88
O3P FMN B . 2.87 0.10 -6.85
N1 ORO C . -4.70 -8.79 -5.27
C2 ORO C . -4.83 -7.47 -5.47
O2 ORO C . -4.39 -7.00 -6.53
N3 ORO C . -5.42 -6.69 -4.53
C4 ORO C . -5.91 -7.20 -3.39
O4 ORO C . -6.44 -6.46 -2.54
C5 ORO C . -5.79 -8.57 -3.18
C6 ORO C . -5.14 -9.34 -4.13
C7 ORO C . -5.07 -10.81 -3.99
O71 ORO C . -4.70 -11.41 -2.96
O72 ORO C . -5.51 -11.43 -4.99
C1 GOL D . 2.92 -15.02 0.23
O1 GOL D . 2.55 -16.40 0.36
C2 GOL D . 4.13 -14.84 -0.67
O2 GOL D . 5.26 -15.44 -0.04
C3 GOL D . 3.81 -15.44 -2.06
O3 GOL D . 3.68 -16.87 -2.08
C ACT E . -9.95 2.95 27.59
O ACT E . -10.44 1.80 27.64
OXT ACT E . -10.47 3.87 26.91
CH3 ACT E . -8.73 3.28 28.39
C1 A1AQM F . 4.61 -9.53 -7.74
C2 A1AQM F . 5.39 -10.72 -7.18
C4 A1AQM F . 7.57 -9.89 -6.22
C8 A1AQM F . 7.63 -10.58 -8.32
C11 A1AQM F . 9.96 -9.30 -6.05
C12 A1AQM F . 11.09 -10.08 -6.18
C15 A1AQM F . 14.59 -10.16 -4.86
C17 A1AQM F . 13.57 -8.10 -4.11
C19 A1AQM F . 12.33 -8.47 -4.82
C21 A1AQM F . 10.01 -8.10 -5.30
C23 A1AQM F . 15.77 -8.72 -3.36
C24 A1AQM F . 15.66 -8.86 -1.95
C27 A1AQM F . 18.00 -8.30 -1.74
C31 A1AQM F . 13.55 -11.87 -6.42
C32 A1AQM F . 14.53 -12.95 -5.95
C33 A1AQM F . 13.81 -11.52 -7.87
N3 A1AQM F . 6.81 -10.39 -7.23
O5 A1AQM F . 7.15 -9.61 -5.11
N6 A1AQM F . 8.82 -9.75 -6.71
N7 A1AQM F . 8.81 -10.20 -8.02
C9 A1AQM F . 7.25 -11.18 -9.65
O10 A1AQM F . 6.51 -10.25 -10.41
C13 A1AQM F . 12.32 -9.71 -5.59
C14 A1AQM F . 13.54 -10.56 -5.63
N16 A1AQM F . 14.62 -8.97 -4.13
O18 A1AQM F . 13.60 -7.08 -3.42
C20 A1AQM F . 11.16 -7.72 -4.69
F22 A1AQM F . 8.96 -7.29 -5.16
F25 A1AQM F . 14.49 -9.19 -1.35
C26 A1AQM F . 16.79 -8.64 -1.16
C28 A1AQM F . 18.11 -8.18 -3.11
C29 A1AQM F . 17.00 -8.40 -3.90
CL30 A1AQM F . 17.19 -8.24 -5.59
S SO4 G . -2.99 -1.21 27.86
O1 SO4 G . -2.92 -1.77 29.23
O2 SO4 G . -3.15 0.27 27.95
O3 SO4 G . -1.73 -1.52 27.14
O4 SO4 G . -4.15 -1.78 27.12
C ACT H . 2.39 0.30 17.46
O ACT H . 1.95 1.39 17.83
OXT ACT H . 3.50 -0.13 17.85
CH3 ACT H . 1.60 -0.54 16.51
C ACT I . -2.69 12.77 -14.53
O ACT I . -3.36 11.97 -15.22
OXT ACT I . -3.04 13.94 -14.35
CH3 ACT I . -1.42 12.32 -13.87
C ACT J . -1.38 3.71 18.65
O ACT J . -1.01 2.62 18.17
OXT ACT J . -2.53 4.17 18.41
CH3 ACT J . -0.44 4.48 19.52
#